data_6VD9
#
_entry.id   6VD9
#
_cell.length_a   32.760
_cell.length_b   39.029
_cell.length_c   63.965
_cell.angle_alpha   98.78
_cell.angle_beta   104.76
_cell.angle_gamma   90.09
#
_symmetry.space_group_name_H-M   'P 1'
#
loop_
_entity.id
_entity.type
_entity.pdbx_description
1 polymer 'Metal cation efflux system protein CzcD'
2 non-polymer 'NICKEL (II) ION'
3 water water
#
_entity_poly.entity_id   1
_entity_poly.type   'polypeptide(L)'
_entity_poly.pdbx_seq_one_letter_code
;DDVDLAEVEKQILATPGVKSFHDLHIWALTSGKASLTVHVVNDTAVNPEMEVLPELKQMLADKFDITHVTIQFEL
;
_entity_poly.pdbx_strand_id   A,B,C,D
#
loop_
_chem_comp.id
_chem_comp.type
_chem_comp.name
_chem_comp.formula
NI non-polymer 'NICKEL (II) ION' 'Ni 2'
#
# COMPACT_ATOMS: atom_id res chain seq x y z
N VAL A 3 -32.73 -5.47 2.63
CA VAL A 3 -31.32 -5.56 3.12
C VAL A 3 -31.29 -6.05 4.57
N ASP A 4 -30.73 -7.24 4.80
CA ASP A 4 -30.49 -7.81 6.15
C ASP A 4 -29.21 -7.19 6.73
N LEU A 5 -29.35 -6.26 7.68
CA LEU A 5 -28.23 -5.48 8.27
C LEU A 5 -27.22 -6.43 8.91
N ALA A 6 -27.64 -7.55 9.52
CA ALA A 6 -26.72 -8.54 10.14
C ALA A 6 -25.77 -9.16 9.12
N GLU A 7 -26.29 -9.56 7.95
CA GLU A 7 -25.48 -10.19 6.90
C GLU A 7 -24.51 -9.11 6.42
N VAL A 8 -24.97 -7.86 6.29
CA VAL A 8 -24.08 -6.78 5.77
C VAL A 8 -22.89 -6.66 6.74
N GLU A 9 -23.17 -6.54 8.04
CA GLU A 9 -22.11 -6.48 9.09
C GLU A 9 -21.18 -7.70 8.97
N LYS A 10 -21.75 -8.91 8.93
CA LYS A 10 -20.95 -10.16 8.85
C LYS A 10 -20.09 -10.08 7.60
N GLN A 11 -20.65 -9.66 6.47
CA GLN A 11 -19.88 -9.74 5.21
C GLN A 11 -18.76 -8.70 5.22
N ILE A 12 -18.97 -7.52 5.85
CA ILE A 12 -17.93 -6.47 5.97
C ILE A 12 -16.78 -7.06 6.79
N LEU A 13 -17.07 -7.59 7.98
CA LEU A 13 -16.03 -8.15 8.88
C LEU A 13 -15.39 -9.41 8.29
N ALA A 14 -16.08 -10.10 7.38
CA ALA A 14 -15.56 -11.32 6.72
C ALA A 14 -14.59 -10.94 5.59
N THR A 15 -14.54 -9.67 5.20
CA THR A 15 -13.72 -9.24 4.04
C THR A 15 -12.25 -9.21 4.44
N PRO A 16 -11.29 -9.86 3.73
CA PRO A 16 -9.88 -9.81 4.13
C PRO A 16 -9.39 -8.36 4.25
N GLY A 17 -8.66 -8.05 5.32
CA GLY A 17 -8.04 -6.73 5.53
C GLY A 17 -8.92 -5.78 6.32
N VAL A 18 -10.14 -6.21 6.68
CA VAL A 18 -11.07 -5.44 7.57
C VAL A 18 -10.87 -5.90 9.02
N LYS A 19 -10.43 -4.98 9.88
CA LYS A 19 -10.22 -5.21 11.33
C LYS A 19 -11.55 -4.93 12.07
N SER A 20 -12.25 -3.82 11.76
CA SER A 20 -13.50 -3.44 12.45
C SER A 20 -14.21 -2.38 11.59
N PHE A 21 -15.40 -2.00 11.96
CA PHE A 21 -16.10 -0.89 11.28
C PHE A 21 -16.96 -0.16 12.27
N HIS A 22 -17.38 1.04 11.94
CA HIS A 22 -18.36 1.78 12.78
C HIS A 22 -19.11 2.71 11.84
N ASP A 23 -20.13 3.36 12.37
CA ASP A 23 -20.92 4.41 11.65
C ASP A 23 -21.42 3.83 10.31
N LEU A 24 -21.90 2.58 10.30
CA LEU A 24 -22.57 1.98 9.13
C LEU A 24 -23.95 2.61 9.05
N HIS A 25 -24.25 3.25 7.93
CA HIS A 25 -25.60 3.78 7.64
CA HIS A 25 -25.58 3.84 7.62
C HIS A 25 -26.10 3.26 6.30
N ILE A 26 -27.33 2.76 6.28
CA ILE A 26 -27.93 2.19 5.06
C ILE A 26 -29.36 2.71 5.02
N TRP A 27 -29.65 3.49 3.98
CA TRP A 27 -30.93 4.20 3.87
C TRP A 27 -31.38 4.18 2.41
N ALA A 28 -32.65 4.49 2.16
CA ALA A 28 -33.25 4.51 0.80
C ALA A 28 -33.11 5.92 0.23
N LEU A 29 -32.59 6.05 -0.99
CA LEU A 29 -32.63 7.31 -1.77
C LEU A 29 -34.06 7.52 -2.28
N THR A 30 -34.35 8.74 -2.75
CA THR A 30 -35.62 9.13 -3.44
C THR A 30 -35.99 8.05 -4.46
N SER A 31 -34.99 7.52 -5.17
CA SER A 31 -35.13 6.50 -6.23
C SER A 31 -35.64 5.16 -5.65
N GLY A 32 -35.51 4.97 -4.32
CA GLY A 32 -35.82 3.71 -3.63
C GLY A 32 -34.63 2.76 -3.55
N LYS A 33 -33.55 3.05 -4.29
CA LYS A 33 -32.24 2.32 -4.25
C LYS A 33 -31.54 2.56 -2.91
N ALA A 34 -30.79 1.56 -2.44
CA ALA A 34 -30.02 1.58 -1.17
C ALA A 34 -28.79 2.50 -1.32
N SER A 35 -28.53 3.32 -0.29
CA SER A 35 -27.28 4.09 -0.15
C SER A 35 -26.60 3.60 1.13
N LEU A 36 -25.27 3.50 1.12
CA LEU A 36 -24.53 2.97 2.30
C LEU A 36 -23.34 3.87 2.56
N THR A 37 -23.10 4.20 3.82
CA THR A 37 -21.79 4.79 4.20
C THR A 37 -21.27 3.94 5.35
N VAL A 38 -19.95 3.86 5.44
CA VAL A 38 -19.34 3.11 6.55
C VAL A 38 -17.90 3.58 6.74
N HIS A 39 -17.45 3.56 8.00
CA HIS A 39 -16.03 3.79 8.37
C HIS A 39 -15.35 2.44 8.69
N VAL A 40 -14.33 2.08 7.93
CA VAL A 40 -13.65 0.76 8.10
C VAL A 40 -12.26 0.98 8.69
N VAL A 41 -11.93 0.21 9.73
CA VAL A 41 -10.53 0.19 10.23
C VAL A 41 -9.86 -0.98 9.51
N ASN A 42 -8.88 -0.71 8.65
CA ASN A 42 -8.21 -1.78 7.87
C ASN A 42 -7.04 -2.28 8.70
N ASP A 43 -6.57 -3.49 8.41
CA ASP A 43 -5.30 -4.02 8.98
C ASP A 43 -4.12 -3.16 8.49
N THR A 44 -3.10 -2.98 9.34
CA THR A 44 -1.84 -2.28 8.98
C THR A 44 -1.13 -2.90 7.76
N ALA A 45 -1.34 -4.19 7.41
CA ALA A 45 -0.55 -4.83 6.34
C ALA A 45 -1.11 -4.51 4.95
N VAL A 46 -2.28 -3.87 4.81
CA VAL A 46 -2.95 -3.74 3.49
C VAL A 46 -3.19 -2.25 3.19
N ASN A 47 -2.99 -1.87 1.94
CA ASN A 47 -3.44 -0.55 1.42
C ASN A 47 -4.89 -0.74 0.99
N PRO A 48 -5.90 -0.28 1.77
CA PRO A 48 -7.30 -0.68 1.52
C PRO A 48 -7.83 -0.11 0.21
N GLU A 49 -7.21 0.96 -0.31
CA GLU A 49 -7.66 1.58 -1.57
C GLU A 49 -7.57 0.53 -2.70
N MET A 50 -6.48 -0.26 -2.69
CA MET A 50 -6.13 -1.29 -3.68
C MET A 50 -6.68 -2.67 -3.25
N GLU A 51 -6.63 -2.97 -1.95
CA GLU A 51 -6.65 -4.36 -1.42
C GLU A 51 -7.93 -4.74 -0.68
N VAL A 52 -8.81 -3.75 -0.38
CA VAL A 52 -10.07 -3.94 0.37
C VAL A 52 -11.22 -3.28 -0.39
N LEU A 53 -11.06 -2.02 -0.85
CA LEU A 53 -12.20 -1.27 -1.44
C LEU A 53 -12.86 -2.04 -2.59
N PRO A 54 -12.09 -2.60 -3.55
CA PRO A 54 -12.72 -3.29 -4.68
C PRO A 54 -13.52 -4.51 -4.23
N GLU A 55 -13.03 -5.24 -3.21
CA GLU A 55 -13.72 -6.42 -2.65
C GLU A 55 -15.00 -5.99 -1.93
N LEU A 56 -14.97 -4.92 -1.13
CA LEU A 56 -16.21 -4.43 -0.48
C LEU A 56 -17.22 -3.98 -1.54
N LYS A 57 -16.80 -3.22 -2.53
CA LYS A 57 -17.72 -2.75 -3.62
C LYS A 57 -18.36 -4.00 -4.27
N GLN A 58 -17.57 -5.00 -4.62
CA GLN A 58 -18.03 -6.22 -5.36
C GLN A 58 -19.06 -6.97 -4.49
N MET A 59 -18.76 -7.14 -3.20
CA MET A 59 -19.61 -7.91 -2.26
C MET A 59 -20.93 -7.16 -2.04
N LEU A 60 -20.89 -5.82 -1.92
CA LEU A 60 -22.11 -5.04 -1.57
C LEU A 60 -23.08 -5.06 -2.77
N ALA A 61 -22.52 -5.04 -3.97
CA ALA A 61 -23.30 -5.09 -5.22
C ALA A 61 -23.91 -6.49 -5.35
N ASP A 62 -23.09 -7.54 -5.20
CA ASP A 62 -23.48 -8.94 -5.52
C ASP A 62 -24.45 -9.48 -4.48
N LYS A 63 -24.16 -9.25 -3.19
CA LYS A 63 -24.89 -9.90 -2.09
C LYS A 63 -26.09 -9.06 -1.68
N PHE A 64 -26.06 -7.72 -1.82
CA PHE A 64 -27.10 -6.83 -1.24
C PHE A 64 -27.70 -5.89 -2.28
N ASP A 65 -27.20 -5.87 -3.53
CA ASP A 65 -27.70 -4.95 -4.58
C ASP A 65 -27.51 -3.51 -4.13
N ILE A 66 -26.39 -3.24 -3.44
CA ILE A 66 -26.05 -1.86 -2.97
C ILE A 66 -24.92 -1.33 -3.86
N THR A 67 -25.20 -0.32 -4.65
CA THR A 67 -24.21 0.21 -5.63
C THR A 67 -23.94 1.71 -5.39
N HIS A 68 -24.59 2.34 -4.39
CA HIS A 68 -24.34 3.74 -4.00
C HIS A 68 -23.59 3.67 -2.66
N VAL A 69 -22.27 3.66 -2.72
CA VAL A 69 -21.40 3.36 -1.54
C VAL A 69 -20.36 4.46 -1.32
N THR A 70 -20.09 4.77 -0.05
CA THR A 70 -18.95 5.64 0.35
C THR A 70 -18.32 4.97 1.55
N ILE A 71 -17.12 4.49 1.37
CA ILE A 71 -16.38 3.70 2.39
C ILE A 71 -15.13 4.51 2.74
N GLN A 72 -14.99 4.90 4.00
CA GLN A 72 -13.77 5.58 4.50
C GLN A 72 -12.94 4.59 5.28
N PHE A 73 -11.62 4.59 5.08
CA PHE A 73 -10.70 3.74 5.85
C PHE A 73 -9.89 4.58 6.85
N GLU A 74 -9.71 4.01 8.05
CA GLU A 74 -8.89 4.57 9.16
C GLU A 74 -7.97 3.45 9.68
N LEU A 75 -6.88 3.77 10.39
CA LEU A 75 -6.08 2.72 11.09
C LEU A 75 -6.52 2.62 12.56
N VAL B 3 10.95 -5.38 18.11
CA VAL B 3 10.41 -4.84 16.82
C VAL B 3 8.87 -5.01 16.80
N ASP B 4 8.12 -3.92 16.75
CA ASP B 4 6.64 -3.99 16.60
C ASP B 4 6.28 -4.14 15.11
N LEU B 5 5.93 -5.36 14.69
CA LEU B 5 5.66 -5.72 13.26
C LEU B 5 4.52 -4.83 12.71
N ALA B 6 3.49 -4.52 13.49
CA ALA B 6 2.35 -3.65 13.07
C ALA B 6 2.84 -2.25 12.71
N GLU B 7 3.77 -1.69 13.47
CA GLU B 7 4.33 -0.36 13.20
C GLU B 7 5.19 -0.47 11.94
N VAL B 8 5.92 -1.58 11.74
CA VAL B 8 6.81 -1.76 10.54
C VAL B 8 5.92 -1.77 9.28
N GLU B 9 4.85 -2.54 9.28
CA GLU B 9 3.91 -2.57 8.13
C GLU B 9 3.36 -1.17 7.89
N LYS B 10 2.91 -0.50 8.96
CA LYS B 10 2.33 0.87 8.86
C LYS B 10 3.34 1.83 8.24
N GLN B 11 4.61 1.81 8.68
CA GLN B 11 5.63 2.77 8.23
C GLN B 11 5.98 2.49 6.76
N ILE B 12 5.95 1.22 6.36
CA ILE B 12 6.22 0.81 4.96
C ILE B 12 5.15 1.44 4.08
N LEU B 13 3.87 1.23 4.40
CA LEU B 13 2.75 1.75 3.60
C LEU B 13 2.65 3.27 3.70
N ALA B 14 3.19 3.89 4.74
CA ALA B 14 3.18 5.34 4.93
C ALA B 14 4.25 6.01 4.09
N THR B 15 5.22 5.25 3.57
CA THR B 15 6.33 5.85 2.81
C THR B 15 5.85 6.27 1.43
N PRO B 16 6.09 7.51 0.96
CA PRO B 16 5.67 7.92 -0.39
C PRO B 16 6.22 7.02 -1.50
N GLY B 17 5.35 6.65 -2.44
CA GLY B 17 5.75 5.84 -3.60
C GLY B 17 5.54 4.34 -3.36
N VAL B 18 5.11 3.96 -2.14
CA VAL B 18 4.74 2.56 -1.77
C VAL B 18 3.26 2.38 -1.98
N LYS B 19 2.88 1.44 -2.85
CA LYS B 19 1.50 1.04 -3.18
C LYS B 19 1.09 -0.12 -2.27
N SER B 20 1.94 -1.14 -2.10
CA SER B 20 1.62 -2.31 -1.25
C SER B 20 2.94 -3.04 -0.94
N PHE B 21 2.88 -4.06 -0.11
CA PHE B 21 4.04 -4.93 0.14
C PHE B 21 3.54 -6.33 0.43
N HIS B 22 4.43 -7.28 0.26
CA HIS B 22 4.17 -8.69 0.60
C HIS B 22 5.48 -9.38 1.01
N ASP B 23 5.38 -10.59 1.54
CA ASP B 23 6.56 -11.42 1.90
C ASP B 23 7.54 -10.64 2.79
N LEU B 24 7.03 -9.90 3.76
CA LEU B 24 7.84 -9.25 4.81
C LEU B 24 8.30 -10.33 5.77
N HIS B 25 9.59 -10.43 5.95
CA HIS B 25 10.25 -11.36 6.90
CA HIS B 25 10.23 -11.35 6.92
C HIS B 25 11.23 -10.58 7.78
N ILE B 26 11.08 -10.67 9.10
CA ILE B 26 12.06 -10.08 10.05
CA ILE B 26 11.98 -10.05 10.11
C ILE B 26 12.43 -11.16 11.05
N TRP B 27 13.73 -11.31 11.25
CA TRP B 27 14.31 -12.41 12.04
C TRP B 27 15.63 -11.98 12.65
N ALA B 28 16.08 -12.72 13.67
CA ALA B 28 17.38 -12.48 14.33
C ALA B 28 18.50 -13.21 13.59
N LEU B 29 19.60 -12.50 13.34
CA LEU B 29 20.90 -13.00 12.87
C LEU B 29 21.65 -13.63 14.06
N THR B 30 22.69 -14.43 13.77
CA THR B 30 23.62 -15.02 14.76
C THR B 30 24.03 -13.96 15.79
N SER B 31 24.37 -12.76 15.32
CA SER B 31 24.78 -11.57 16.12
C SER B 31 23.69 -11.14 17.12
N GLY B 32 22.43 -11.53 16.88
CA GLY B 32 21.24 -11.03 17.60
C GLY B 32 20.61 -9.84 16.88
N LYS B 33 21.32 -9.25 15.93
CA LYS B 33 20.86 -8.08 15.12
C LYS B 33 19.68 -8.52 14.25
N ALA B 34 18.70 -7.64 14.06
CA ALA B 34 17.50 -7.86 13.20
C ALA B 34 17.86 -7.82 11.71
N SER B 35 17.23 -8.70 10.94
CA SER B 35 17.37 -8.73 9.48
C SER B 35 15.96 -8.70 8.90
N LEU B 36 15.78 -8.02 7.77
CA LEU B 36 14.46 -7.81 7.13
C LEU B 36 14.59 -8.09 5.64
N THR B 37 13.55 -8.72 5.10
CA THR B 37 13.40 -8.78 3.62
C THR B 37 11.94 -8.44 3.35
N VAL B 38 11.70 -7.81 2.22
CA VAL B 38 10.33 -7.41 1.85
C VAL B 38 10.25 -7.19 0.36
N HIS B 39 9.07 -7.50 -0.21
CA HIS B 39 8.74 -7.15 -1.61
C HIS B 39 7.79 -5.97 -1.61
N VAL B 40 8.18 -4.89 -2.25
CA VAL B 40 7.37 -3.65 -2.30
C VAL B 40 6.86 -3.43 -3.71
N VAL B 41 5.56 -3.15 -3.83
CA VAL B 41 4.96 -2.70 -5.12
C VAL B 41 5.05 -1.18 -5.10
N ASN B 42 5.85 -0.58 -5.98
CA ASN B 42 5.93 0.91 -5.98
C ASN B 42 4.88 1.48 -6.94
N ASP B 43 4.55 2.74 -6.78
CA ASP B 43 3.70 3.49 -7.75
C ASP B 43 4.43 3.59 -9.11
N THR B 44 3.65 3.61 -10.19
CA THR B 44 4.20 3.77 -11.56
C THR B 44 4.88 5.14 -11.76
N ALA B 45 4.67 6.18 -10.93
CA ALA B 45 5.26 7.51 -11.21
C ALA B 45 6.64 7.67 -10.60
N VAL B 46 7.21 6.65 -9.94
CA VAL B 46 8.44 6.84 -9.14
C VAL B 46 9.43 5.74 -9.49
N ASN B 47 10.69 6.11 -9.56
CA ASN B 47 11.81 5.16 -9.75
C ASN B 47 12.25 4.78 -8.35
N PRO B 48 11.82 3.63 -7.79
CA PRO B 48 11.93 3.39 -6.34
C PRO B 48 13.39 3.29 -5.93
N GLU B 49 14.32 3.03 -6.86
CA GLU B 49 15.77 2.92 -6.54
C GLU B 49 16.26 4.27 -6.01
N MET B 50 15.80 5.36 -6.61
CA MET B 50 16.19 6.75 -6.25
C MET B 50 15.19 7.33 -5.25
N GLU B 51 13.91 7.00 -5.40
CA GLU B 51 12.78 7.80 -4.83
C GLU B 51 12.05 7.10 -3.67
N VAL B 52 12.32 5.82 -3.40
CA VAL B 52 11.65 5.03 -2.35
C VAL B 52 12.69 4.35 -1.47
N LEU B 53 13.69 3.71 -2.05
CA LEU B 53 14.66 2.89 -1.25
C LEU B 53 15.42 3.72 -0.21
N PRO B 54 15.93 4.92 -0.50
CA PRO B 54 16.65 5.66 0.53
C PRO B 54 15.76 5.99 1.75
N GLU B 55 14.49 6.35 1.50
CA GLU B 55 13.46 6.63 2.52
C GLU B 55 13.19 5.39 3.38
N LEU B 56 12.96 4.24 2.75
CA LEU B 56 12.72 2.97 3.47
C LEU B 56 13.95 2.63 4.35
N LYS B 57 15.16 2.76 3.82
CA LYS B 57 16.41 2.43 4.57
C LYS B 57 16.50 3.34 5.80
N GLN B 58 16.29 4.64 5.59
CA GLN B 58 16.32 5.67 6.66
C GLN B 58 15.28 5.35 7.74
N MET B 59 14.02 5.12 7.37
CA MET B 59 12.92 4.83 8.32
C MET B 59 13.20 3.54 9.10
N LEU B 60 13.74 2.49 8.46
CA LEU B 60 13.89 1.19 9.17
C LEU B 60 15.05 1.33 10.19
N ALA B 61 16.05 2.12 9.85
CA ALA B 61 17.18 2.41 10.75
C ALA B 61 16.70 3.26 11.92
N ASP B 62 16.02 4.37 11.64
CA ASP B 62 15.66 5.37 12.68
C ASP B 62 14.56 4.81 13.59
N LYS B 63 13.53 4.19 13.04
CA LYS B 63 12.32 3.81 13.79
C LYS B 63 12.50 2.44 14.43
N PHE B 64 13.32 1.53 13.87
CA PHE B 64 13.33 0.11 14.28
C PHE B 64 14.73 -0.42 14.61
N ASP B 65 15.79 0.35 14.37
CA ASP B 65 17.19 -0.13 14.52
C ASP B 65 17.40 -1.33 13.59
N ILE B 66 16.75 -1.35 12.41
CA ILE B 66 17.01 -2.43 11.42
C ILE B 66 17.89 -1.85 10.30
N THR B 67 19.10 -2.38 10.17
CA THR B 67 20.07 -1.94 9.15
C THR B 67 20.45 -3.08 8.19
N HIS B 68 20.03 -4.31 8.47
CA HIS B 68 20.32 -5.47 7.58
C HIS B 68 19.06 -5.70 6.73
N VAL B 69 19.00 -5.07 5.56
CA VAL B 69 17.72 -4.88 4.83
C VAL B 69 17.93 -5.31 3.39
N THR B 70 16.94 -5.99 2.81
CA THR B 70 16.92 -6.31 1.36
C THR B 70 15.49 -6.10 0.90
N ILE B 71 15.30 -5.08 0.08
CA ILE B 71 13.99 -4.62 -0.43
C ILE B 71 13.99 -4.81 -1.94
N GLN B 72 13.01 -5.57 -2.44
CA GLN B 72 12.78 -5.80 -3.90
C GLN B 72 11.52 -5.04 -4.30
N PHE B 73 11.63 -4.25 -5.35
CA PHE B 73 10.48 -3.53 -5.95
C PHE B 73 9.93 -4.25 -7.20
N GLU B 74 8.61 -4.28 -7.28
CA GLU B 74 7.84 -4.78 -8.44
C GLU B 74 6.77 -3.76 -8.82
N LEU B 75 6.21 -3.85 -10.02
CA LEU B 75 5.08 -2.95 -10.41
C LEU B 75 3.75 -3.70 -10.24
N VAL C 3 -24.97 25.80 2.65
CA VAL C 3 -23.50 25.59 2.50
C VAL C 3 -23.11 25.94 1.05
N ASP C 4 -21.99 26.66 0.88
CA ASP C 4 -21.48 27.04 -0.45
C ASP C 4 -20.69 25.86 -1.04
N LEU C 5 -21.32 25.07 -1.93
CA LEU C 5 -20.70 23.90 -2.61
C LEU C 5 -19.52 24.36 -3.45
N ALA C 6 -19.59 25.56 -4.04
CA ALA C 6 -18.48 26.14 -4.83
C ALA C 6 -17.22 26.28 -3.96
N GLU C 7 -17.36 26.85 -2.75
CA GLU C 7 -16.22 27.00 -1.79
C GLU C 7 -15.79 25.61 -1.31
N VAL C 8 -16.71 24.70 -1.00
CA VAL C 8 -16.32 23.29 -0.65
C VAL C 8 -15.49 22.71 -1.80
N GLU C 9 -16.00 22.80 -3.01
CA GLU C 9 -15.27 22.29 -4.20
C GLU C 9 -13.86 22.89 -4.23
N LYS C 10 -13.70 24.23 -4.19
CA LYS C 10 -12.37 24.90 -4.25
C LYS C 10 -11.41 24.31 -3.20
N GLN C 11 -11.87 24.19 -1.96
CA GLN C 11 -11.01 23.80 -0.81
C GLN C 11 -10.61 22.32 -0.94
N ILE C 12 -11.54 21.47 -1.34
CA ILE C 12 -11.19 20.03 -1.60
C ILE C 12 -10.09 19.97 -2.68
N LEU C 13 -10.28 20.68 -3.79
CA LEU C 13 -9.28 20.66 -4.89
C LEU C 13 -7.98 21.34 -4.47
N ALA C 14 -8.01 22.30 -3.54
CA ALA C 14 -6.80 22.99 -3.04
C ALA C 14 -5.97 22.09 -2.12
N THR C 15 -6.48 20.92 -1.72
CA THR C 15 -5.79 20.07 -0.72
C THR C 15 -4.66 19.28 -1.40
N PRO C 16 -3.41 19.36 -0.90
CA PRO C 16 -2.33 18.52 -1.41
C PRO C 16 -2.75 17.04 -1.48
N GLY C 17 -2.47 16.38 -2.60
CA GLY C 17 -2.72 14.93 -2.80
C GLY C 17 -4.02 14.70 -3.51
N VAL C 18 -4.88 15.73 -3.56
CA VAL C 18 -6.18 15.65 -4.28
C VAL C 18 -5.93 16.01 -5.74
N LYS C 19 -6.34 15.12 -6.63
CA LYS C 19 -6.35 15.31 -8.10
C LYS C 19 -7.78 15.72 -8.52
N SER C 20 -8.81 15.07 -8.00
CA SER C 20 -10.21 15.31 -8.40
C SER C 20 -11.17 14.77 -7.33
N PHE C 21 -12.44 15.08 -7.47
CA PHE C 21 -13.50 14.47 -6.66
C PHE C 21 -14.78 14.39 -7.48
N HIS C 22 -15.67 13.50 -7.09
CA HIS C 22 -17.04 13.38 -7.63
C HIS C 22 -17.96 12.84 -6.53
N ASP C 23 -19.26 12.79 -6.82
CA ASP C 23 -20.32 12.28 -5.90
C ASP C 23 -20.23 13.04 -4.56
N LEU C 24 -20.08 14.36 -4.61
CA LEU C 24 -20.22 15.18 -3.38
C LEU C 24 -21.69 15.28 -2.99
N HIS C 25 -22.03 14.88 -1.78
CA HIS C 25 -23.41 14.99 -1.25
C HIS C 25 -23.33 15.65 0.12
N ILE C 26 -24.13 16.69 0.33
CA ILE C 26 -24.29 17.35 1.64
C ILE C 26 -25.78 17.43 1.94
N TRP C 27 -26.20 16.88 3.07
CA TRP C 27 -27.60 16.94 3.56
C TRP C 27 -27.63 17.05 5.08
N ALA C 28 -28.81 17.22 5.68
CA ALA C 28 -29.01 17.44 7.13
C ALA C 28 -29.22 16.09 7.84
N ALA C 34 -25.26 18.78 9.54
CA ALA C 34 -24.80 18.55 8.16
C ALA C 34 -24.04 17.22 8.10
N SER C 35 -24.26 16.43 7.05
CA SER C 35 -23.48 15.22 6.72
C SER C 35 -22.92 15.37 5.31
N LEU C 36 -21.68 14.91 5.11
CA LEU C 36 -20.98 15.08 3.83
C LEU C 36 -20.39 13.74 3.42
N THR C 37 -20.62 13.37 2.16
CA THR C 37 -19.96 12.20 1.56
C THR C 37 -19.33 12.68 0.26
N VAL C 38 -18.19 12.11 -0.08
CA VAL C 38 -17.51 12.47 -1.34
C VAL C 38 -16.55 11.36 -1.72
N HIS C 39 -16.34 11.23 -3.03
CA HIS C 39 -15.36 10.32 -3.64
C HIS C 39 -14.19 11.16 -4.14
N VAL C 40 -12.99 10.91 -3.63
CA VAL C 40 -11.81 11.70 -4.03
C VAL C 40 -10.88 10.78 -4.82
N VAL C 41 -10.40 11.25 -5.98
CA VAL C 41 -9.22 10.65 -6.66
C VAL C 41 -7.98 11.29 -6.06
N ASN C 42 -7.16 10.53 -5.34
CA ASN C 42 -5.87 11.04 -4.85
C ASN C 42 -4.77 10.88 -5.94
N ASP C 43 -3.79 11.75 -5.92
CA ASP C 43 -2.47 11.49 -6.54
C ASP C 43 -2.04 10.05 -6.23
N THR C 44 -1.68 9.23 -7.23
CA THR C 44 -1.44 7.76 -7.05
C THR C 44 -0.13 7.51 -6.30
N ALA C 45 0.78 8.51 -6.30
CA ALA C 45 2.07 8.53 -5.59
C ALA C 45 1.88 8.79 -4.10
N VAL C 46 0.64 9.10 -3.68
CA VAL C 46 0.32 9.41 -2.27
C VAL C 46 -0.71 8.37 -1.75
N ASN C 47 -0.41 7.77 -0.60
CA ASN C 47 -1.39 6.98 0.19
C ASN C 47 -2.23 7.98 0.97
N PRO C 48 -3.50 8.12 0.60
CA PRO C 48 -4.28 9.23 1.15
C PRO C 48 -4.71 9.03 2.61
N GLU C 49 -4.46 7.84 3.19
CA GLU C 49 -5.03 7.48 4.51
C GLU C 49 -4.35 8.31 5.61
N MET C 50 -3.06 8.60 5.44
CA MET C 50 -2.28 9.47 6.37
C MET C 50 -2.03 10.86 5.75
N GLU C 51 -1.80 11.02 4.44
CA GLU C 51 -1.27 12.31 3.90
C GLU C 51 -2.42 13.24 3.43
N VAL C 52 -3.70 12.84 3.51
CA VAL C 52 -4.83 13.57 2.82
C VAL C 52 -6.09 13.57 3.71
N LEU C 53 -6.47 12.41 4.25
CA LEU C 53 -7.74 12.26 5.00
C LEU C 53 -7.76 13.21 6.20
N PRO C 54 -6.79 13.18 7.14
CA PRO C 54 -6.86 14.10 8.28
C PRO C 54 -6.91 15.57 7.84
N GLU C 55 -6.19 15.91 6.76
CA GLU C 55 -6.15 17.28 6.21
C GLU C 55 -7.54 17.70 5.74
N LEU C 56 -8.23 16.82 4.99
CA LEU C 56 -9.62 17.13 4.52
C LEU C 56 -10.57 17.26 5.70
N LYS C 57 -10.47 16.39 6.69
CA LYS C 57 -11.37 16.41 7.88
C LYS C 57 -11.15 17.74 8.63
N GLN C 58 -9.89 18.17 8.81
CA GLN C 58 -9.69 19.40 9.63
C GLN C 58 -10.18 20.62 8.84
N MET C 59 -10.02 20.60 7.51
CA MET C 59 -10.44 21.71 6.63
C MET C 59 -11.97 21.81 6.65
N LEU C 60 -12.67 20.68 6.53
CA LEU C 60 -14.15 20.70 6.48
C LEU C 60 -14.66 21.18 7.83
N ALA C 61 -13.98 20.83 8.91
CA ALA C 61 -14.39 21.27 10.28
C ALA C 61 -14.17 22.78 10.40
N ASP C 62 -12.97 23.26 10.04
CA ASP C 62 -12.55 24.68 10.26
C ASP C 62 -13.40 25.58 9.37
N LYS C 63 -13.48 25.24 8.08
CA LYS C 63 -14.01 26.14 7.02
C LYS C 63 -15.53 26.05 6.90
N PHE C 64 -16.14 24.90 7.20
CA PHE C 64 -17.59 24.68 6.94
C PHE C 64 -18.35 24.22 8.17
N ASP C 65 -17.70 23.96 9.31
CA ASP C 65 -18.37 23.40 10.51
C ASP C 65 -18.99 22.06 10.13
N ILE C 66 -18.33 21.29 9.25
CA ILE C 66 -18.79 19.91 8.90
C ILE C 66 -17.85 18.90 9.56
N THR C 67 -18.43 18.07 10.42
CA THR C 67 -17.68 17.01 11.16
C THR C 67 -18.26 15.61 10.96
N HIS C 68 -19.45 15.44 10.38
CA HIS C 68 -20.01 14.11 10.03
C HIS C 68 -19.63 13.85 8.57
N VAL C 69 -18.52 13.17 8.35
CA VAL C 69 -17.92 13.08 7.01
C VAL C 69 -17.64 11.62 6.69
N THR C 70 -17.79 11.27 5.42
CA THR C 70 -17.31 9.97 4.91
C THR C 70 -16.65 10.26 3.57
N ILE C 71 -15.36 10.00 3.50
CA ILE C 71 -14.52 10.29 2.31
C ILE C 71 -13.93 8.97 1.80
N GLN C 72 -14.26 8.61 0.56
CA GLN C 72 -13.74 7.42 -0.11
C GLN C 72 -12.67 7.86 -1.11
N PHE C 73 -11.50 7.25 -1.04
CA PHE C 73 -10.38 7.53 -1.98
C PHE C 73 -10.34 6.42 -3.01
N GLU C 74 -10.18 6.76 -4.28
CA GLU C 74 -10.27 5.71 -5.32
C GLU C 74 -9.50 6.15 -6.55
N LEU C 75 -9.43 5.18 -7.47
CA LEU C 75 -8.99 5.20 -8.90
C LEU C 75 -7.50 4.85 -8.94
N VAL D 3 23.88 -26.21 -3.95
CA VAL D 3 23.99 -24.86 -4.61
C VAL D 3 25.46 -24.46 -4.70
N ASP D 4 26.03 -24.38 -5.91
CA ASP D 4 27.43 -23.91 -6.11
C ASP D 4 27.45 -22.38 -6.00
N LEU D 5 27.91 -21.84 -4.86
CA LEU D 5 28.02 -20.36 -4.63
C LEU D 5 28.79 -19.70 -5.78
N ALA D 6 29.96 -20.25 -6.13
CA ALA D 6 30.82 -19.75 -7.23
C ALA D 6 30.03 -19.61 -8.54
N GLU D 7 29.23 -20.62 -8.92
CA GLU D 7 28.45 -20.58 -10.19
C GLU D 7 27.33 -19.54 -10.09
N VAL D 8 26.64 -19.46 -8.95
CA VAL D 8 25.64 -18.38 -8.73
C VAL D 8 26.31 -17.03 -8.99
N GLU D 9 27.43 -16.76 -8.31
CA GLU D 9 28.14 -15.47 -8.40
C GLU D 9 28.47 -15.18 -9.87
N LYS D 10 29.08 -16.14 -10.58
CA LYS D 10 29.44 -15.99 -12.01
C LYS D 10 28.19 -15.58 -12.82
N GLN D 11 27.06 -16.23 -12.57
CA GLN D 11 25.84 -16.11 -13.40
C GLN D 11 25.15 -14.77 -13.11
N ILE D 12 25.19 -14.33 -11.85
CA ILE D 12 24.67 -12.96 -11.53
C ILE D 12 25.48 -11.94 -12.33
N LEU D 13 26.81 -11.97 -12.19
CA LEU D 13 27.74 -11.01 -12.88
C LEU D 13 27.60 -11.11 -14.40
N ALA D 14 27.22 -12.28 -14.94
CA ALA D 14 27.03 -12.45 -16.41
C ALA D 14 25.74 -11.76 -16.85
N THR D 15 24.85 -11.40 -15.93
CA THR D 15 23.51 -10.88 -16.33
C THR D 15 23.68 -9.45 -16.84
N PRO D 16 23.17 -9.13 -18.05
CA PRO D 16 23.23 -7.75 -18.54
C PRO D 16 22.56 -6.78 -17.58
N GLY D 17 23.24 -5.67 -17.30
CA GLY D 17 22.81 -4.60 -16.38
C GLY D 17 23.48 -4.70 -15.03
N VAL D 18 24.07 -5.84 -14.69
CA VAL D 18 24.81 -6.07 -13.42
C VAL D 18 26.27 -5.64 -13.57
N LYS D 19 26.65 -4.63 -12.80
CA LYS D 19 28.03 -4.16 -12.55
C LYS D 19 28.68 -5.03 -11.46
N SER D 20 27.98 -5.24 -10.35
CA SER D 20 28.50 -5.91 -9.14
C SER D 20 27.36 -6.38 -8.24
N PHE D 21 27.68 -7.21 -7.25
CA PHE D 21 26.75 -7.62 -6.18
C PHE D 21 27.55 -7.80 -4.88
N HIS D 22 26.86 -7.63 -3.76
CA HIS D 22 27.37 -7.90 -2.40
C HIS D 22 26.21 -8.39 -1.53
N ASP D 23 26.55 -8.88 -0.34
CA ASP D 23 25.57 -9.32 0.69
C ASP D 23 24.70 -10.44 0.12
N LEU D 24 25.29 -11.39 -0.61
CA LEU D 24 24.55 -12.57 -1.12
C LEU D 24 24.36 -13.54 0.05
N HIS D 25 23.11 -13.90 0.34
CA HIS D 25 22.78 -14.88 1.39
C HIS D 25 21.82 -15.92 0.85
N ILE D 26 21.89 -17.15 1.36
CA ILE D 26 20.86 -18.17 1.07
C ILE D 26 20.37 -18.77 2.39
N TRP D 27 19.22 -18.32 2.85
CA TRP D 27 18.60 -18.69 4.16
C TRP D 27 17.84 -20.01 4.01
N ALA D 28 17.96 -20.90 5.00
CA ALA D 28 17.41 -22.28 4.95
C ALA D 28 15.91 -22.23 5.15
N LEU D 29 15.15 -22.83 4.20
CA LEU D 29 13.72 -23.17 4.35
C LEU D 29 13.57 -24.65 4.74
N ALA D 34 14.68 -23.01 -0.16
CA ALA D 34 15.73 -22.05 0.26
C ALA D 34 15.41 -20.66 -0.30
N SER D 35 15.67 -19.62 0.50
CA SER D 35 15.59 -18.19 0.12
C SER D 35 16.97 -17.72 -0.37
N LEU D 36 16.99 -16.80 -1.32
CA LEU D 36 18.23 -16.09 -1.72
C LEU D 36 17.96 -14.60 -1.56
N THR D 37 18.93 -13.91 -0.98
CA THR D 37 18.91 -12.42 -0.93
C THR D 37 20.25 -11.89 -1.44
N VAL D 38 20.22 -10.73 -2.09
CA VAL D 38 21.43 -10.14 -2.69
C VAL D 38 21.15 -8.68 -2.99
N HIS D 39 22.23 -7.88 -2.89
CA HIS D 39 22.29 -6.46 -3.31
C HIS D 39 23.03 -6.41 -4.65
N VAL D 40 22.38 -5.89 -5.68
CA VAL D 40 22.98 -5.77 -7.04
C VAL D 40 23.19 -4.27 -7.30
N VAL D 41 24.41 -3.90 -7.69
CA VAL D 41 24.70 -2.56 -8.27
C VAL D 41 24.39 -2.65 -9.76
N ASN D 42 23.33 -1.98 -10.22
CA ASN D 42 22.99 -2.00 -11.66
C ASN D 42 23.80 -0.91 -12.37
N ASP D 43 24.15 -1.16 -13.62
CA ASP D 43 24.48 -0.11 -14.62
C ASP D 43 23.48 1.03 -14.46
N THR D 44 23.96 2.28 -14.27
CA THR D 44 23.13 3.46 -13.92
C THR D 44 22.21 3.85 -15.07
N ALA D 45 22.58 3.51 -16.31
CA ALA D 45 21.84 3.85 -17.54
C ALA D 45 20.67 2.89 -17.76
N VAL D 46 20.54 1.85 -16.93
CA VAL D 46 19.43 0.85 -17.04
C VAL D 46 18.55 0.93 -15.78
N ASN D 47 17.22 0.95 -15.95
CA ASN D 47 16.23 0.79 -14.83
C ASN D 47 16.06 -0.69 -14.60
N PRO D 48 16.62 -1.23 -13.51
CA PRO D 48 16.69 -2.68 -13.32
C PRO D 48 15.32 -3.34 -13.08
N GLU D 49 14.29 -2.56 -12.74
CA GLU D 49 12.97 -3.11 -12.34
C GLU D 49 12.36 -3.80 -13.54
N MET D 50 12.67 -3.29 -14.76
CA MET D 50 12.24 -3.83 -16.08
C MET D 50 13.32 -4.72 -16.71
N GLU D 51 14.58 -4.26 -16.79
CA GLU D 51 15.57 -4.83 -17.75
C GLU D 51 16.57 -5.76 -17.02
N VAL D 52 16.38 -6.05 -15.74
CA VAL D 52 17.38 -6.87 -14.97
C VAL D 52 16.67 -7.86 -14.03
N LEU D 53 15.63 -7.44 -13.33
CA LEU D 53 15.00 -8.30 -12.29
C LEU D 53 14.36 -9.54 -12.91
N PRO D 54 13.43 -9.41 -13.89
CA PRO D 54 12.81 -10.62 -14.45
C PRO D 54 13.90 -11.57 -14.96
N GLU D 55 15.01 -11.03 -15.49
CA GLU D 55 16.12 -11.83 -16.07
C GLU D 55 16.87 -12.58 -14.95
N LEU D 56 17.14 -11.93 -13.83
CA LEU D 56 17.81 -12.62 -12.70
C LEU D 56 16.89 -13.73 -12.13
N LYS D 57 15.58 -13.44 -12.05
CA LYS D 57 14.59 -14.41 -11.51
C LYS D 57 14.51 -15.63 -12.45
N GLN D 58 14.45 -15.39 -13.76
CA GLN D 58 14.39 -16.47 -14.78
C GLN D 58 15.64 -17.36 -14.60
N MET D 59 16.80 -16.72 -14.49
CA MET D 59 18.10 -17.42 -14.45
C MET D 59 18.21 -18.23 -13.17
N LEU D 60 17.88 -17.64 -12.03
CA LEU D 60 18.04 -18.32 -10.73
C LEU D 60 17.10 -19.52 -10.69
N ALA D 61 15.90 -19.42 -11.30
CA ALA D 61 14.92 -20.52 -11.33
C ALA D 61 15.47 -21.66 -12.20
N ASP D 62 15.91 -21.33 -13.42
CA ASP D 62 16.35 -22.32 -14.46
C ASP D 62 17.64 -23.00 -14.04
N LYS D 63 18.63 -22.21 -13.63
CA LYS D 63 20.02 -22.70 -13.43
C LYS D 63 20.22 -23.26 -12.02
N PHE D 64 19.46 -22.83 -11.01
CA PHE D 64 19.73 -23.19 -9.59
C PHE D 64 18.50 -23.71 -8.85
N ASP D 65 17.31 -23.73 -9.49
CA ASP D 65 16.02 -24.10 -8.86
C ASP D 65 15.79 -23.20 -7.65
N ILE D 66 16.15 -21.91 -7.77
CA ILE D 66 15.95 -20.92 -6.68
C ILE D 66 14.82 -20.00 -7.15
N THR D 67 13.72 -20.02 -6.41
CA THR D 67 12.48 -19.29 -6.74
C THR D 67 12.06 -18.34 -5.60
N HIS D 68 12.58 -18.49 -4.39
CA HIS D 68 12.31 -17.52 -3.29
C HIS D 68 13.48 -16.55 -3.25
N VAL D 69 13.31 -15.39 -3.87
CA VAL D 69 14.42 -14.46 -4.08
C VAL D 69 14.00 -13.08 -3.63
N THR D 70 14.93 -12.36 -3.04
CA THR D 70 14.77 -10.91 -2.76
C THR D 70 16.02 -10.23 -3.29
N ILE D 71 15.83 -9.42 -4.31
CA ILE D 71 16.93 -8.71 -5.01
C ILE D 71 16.75 -7.19 -4.88
N GLN D 72 17.71 -6.56 -4.19
CA GLN D 72 17.76 -5.11 -3.97
C GLN D 72 18.74 -4.51 -4.98
N PHE D 73 18.28 -3.51 -5.74
CA PHE D 73 19.13 -2.72 -6.67
C PHE D 73 19.52 -1.41 -6.02
N GLU D 74 20.80 -1.07 -6.06
CA GLU D 74 21.25 0.19 -5.44
C GLU D 74 22.45 0.73 -6.20
N LEU D 75 22.97 1.88 -5.75
CA LEU D 75 24.25 2.49 -6.21
C LEU D 75 25.41 1.78 -5.51
NI NI E . -14.55 7.04 11.86
NI NI F . 7.05 -10.51 -4.96
NI NI G . -16.68 7.05 -7.31
NI NI H . 24.11 -3.01 -0.01
#